data_1S94
#
_entry.id   1S94
#
_cell.length_a   73.056
_cell.length_b   73.056
_cell.length_c   224.434
_cell.angle_alpha   90.00
_cell.angle_beta   90.00
_cell.angle_gamma   90.00
#
_symmetry.space_group_name_H-M   'P 43 21 2'
#
_entity_poly.entity_id   1
_entity_poly.type   'polypeptide(L)'
_entity_poly.pdbx_seq_one_letter_code
;MRGSPRTKDRLAALKAAVSDEEDVEEVAVQVDSGGGFMEEFFEQVEEIRAMIDKISDNVDAVKKKHSDILSAPQTDDQMK
EELEELMTDIKRTANKVRGKLKTIELNIEQEEHSNKSSADLRIRKTQYSTISRKFVEVMSDYNTTQIDYRDRCKARIKRQ
MEITGRTTTNEELEDMLESG
;
_entity_poly.pdbx_strand_id   A,B
#
# COMPACT_ATOMS: atom_id res chain seq x y z
N GLY A 36 -25.73 -27.89 -33.51
CA GLY A 36 -24.85 -26.68 -33.35
C GLY A 36 -24.92 -25.99 -31.98
N PHE A 37 -25.21 -26.77 -30.95
CA PHE A 37 -25.36 -26.25 -29.58
C PHE A 37 -24.02 -25.89 -28.95
N MET A 38 -22.94 -26.50 -29.45
CA MET A 38 -21.59 -26.44 -28.82
C MET A 38 -20.65 -25.49 -29.49
N GLU A 39 -20.67 -25.46 -30.82
CA GLU A 39 -19.97 -24.43 -31.57
C GLU A 39 -20.46 -23.05 -31.16
N GLU A 40 -21.76 -22.97 -30.88
CA GLU A 40 -22.39 -21.72 -30.46
C GLU A 40 -21.97 -21.40 -29.05
N PHE A 41 -22.24 -22.32 -28.16
CA PHE A 41 -21.90 -22.13 -26.78
C PHE A 41 -20.47 -21.59 -26.56
N PHE A 42 -19.55 -21.79 -27.50
CA PHE A 42 -18.25 -21.12 -27.36
C PHE A 42 -18.34 -19.66 -27.74
N GLU A 43 -18.70 -19.34 -28.98
CA GLU A 43 -18.87 -17.92 -29.39
C GLU A 43 -19.60 -17.09 -28.32
N GLN A 44 -20.54 -17.72 -27.61
CA GLN A 44 -21.29 -17.05 -26.56
C GLN A 44 -20.38 -16.86 -25.37
N VAL A 45 -19.63 -17.91 -25.02
CA VAL A 45 -18.64 -17.81 -23.94
C VAL A 45 -17.56 -16.80 -24.26
N GLU A 46 -16.98 -16.83 -25.45
CA GLU A 46 -15.94 -15.85 -25.77
C GLU A 46 -16.51 -14.45 -25.78
N GLU A 47 -17.81 -14.30 -25.60
CA GLU A 47 -18.42 -12.97 -25.51
C GLU A 47 -18.43 -12.53 -24.04
N ILE A 48 -18.92 -13.38 -23.17
CA ILE A 48 -18.81 -13.17 -21.75
C ILE A 48 -17.37 -12.92 -21.32
N ARG A 49 -16.44 -13.48 -22.12
CA ARG A 49 -15.02 -13.49 -21.83
C ARG A 49 -14.52 -12.09 -22.13
N ALA A 50 -14.65 -11.66 -23.38
CA ALA A 50 -14.12 -10.35 -23.77
C ALA A 50 -14.93 -9.20 -23.16
N MET A 51 -16.13 -9.51 -22.65
CA MET A 51 -16.94 -8.53 -21.95
C MET A 51 -16.17 -8.31 -20.69
N ILE A 52 -15.90 -9.40 -19.99
CA ILE A 52 -15.18 -9.40 -18.70
C ILE A 52 -13.85 -8.69 -18.68
N ASP A 53 -13.19 -8.58 -19.83
CA ASP A 53 -11.96 -7.86 -19.88
C ASP A 53 -12.29 -6.39 -20.01
N LYS A 54 -13.25 -6.05 -20.85
CA LYS A 54 -13.70 -4.65 -20.93
C LYS A 54 -13.98 -4.16 -19.52
N ILE A 55 -14.59 -5.00 -18.69
CA ILE A 55 -14.95 -4.52 -17.38
C ILE A 55 -13.74 -4.51 -16.51
N SER A 56 -12.81 -5.43 -16.69
CA SER A 56 -11.56 -5.37 -15.91
C SER A 56 -10.67 -4.24 -16.37
N ASP A 57 -10.37 -4.17 -17.67
CA ASP A 57 -9.68 -2.99 -18.21
C ASP A 57 -10.34 -1.74 -17.61
N ASN A 58 -11.65 -1.81 -17.34
CA ASN A 58 -12.35 -0.61 -16.89
C ASN A 58 -12.04 -0.26 -15.46
N VAL A 59 -12.10 -1.23 -14.55
CA VAL A 59 -11.79 -0.93 -13.15
C VAL A 59 -10.43 -0.22 -13.05
N ASP A 60 -9.48 -0.70 -13.84
CA ASP A 60 -8.17 -0.07 -13.94
C ASP A 60 -8.16 1.42 -14.30
N ALA A 61 -9.15 1.92 -15.02
CA ALA A 61 -9.20 3.36 -15.24
C ALA A 61 -9.97 4.03 -14.11
N VAL A 62 -10.99 3.37 -13.57
CA VAL A 62 -11.68 3.89 -12.40
C VAL A 62 -10.80 3.73 -11.15
N LYS A 63 -9.55 3.29 -11.37
CA LYS A 63 -8.56 3.17 -10.30
C LYS A 63 -7.65 4.39 -10.35
N LYS A 64 -6.87 4.52 -11.44
CA LYS A 64 -6.10 5.71 -11.65
C LYS A 64 -7.05 6.92 -11.52
N LYS A 65 -7.95 7.09 -12.49
CA LYS A 65 -8.76 8.30 -12.52
C LYS A 65 -9.28 8.64 -11.14
N HIS A 66 -9.76 7.65 -10.40
CA HIS A 66 -10.34 7.96 -9.11
C HIS A 66 -9.32 8.53 -8.16
N SER A 67 -8.10 7.99 -8.20
CA SER A 67 -7.01 8.47 -7.35
C SER A 67 -6.78 9.95 -7.59
N ASP A 68 -6.54 10.30 -8.85
CA ASP A 68 -6.07 11.64 -9.18
C ASP A 68 -7.02 12.62 -8.51
N ILE A 69 -8.32 12.36 -8.65
CA ILE A 69 -9.34 13.09 -7.91
C ILE A 69 -8.94 13.23 -6.44
N LEU A 70 -8.67 12.14 -5.75
CA LEU A 70 -8.21 12.20 -4.36
C LEU A 70 -6.73 12.62 -4.23
N SER A 71 -6.50 13.90 -4.01
CA SER A 71 -5.14 14.47 -3.91
C SER A 71 -5.18 16.00 -4.05
N MET A 79 -13.50 14.68 -15.63
CA MET A 79 -12.97 13.89 -14.53
C MET A 79 -14.05 13.49 -13.52
N LYS A 80 -14.67 14.44 -12.84
CA LYS A 80 -15.80 14.11 -11.96
C LYS A 80 -16.86 13.38 -12.75
N GLU A 81 -17.00 13.76 -14.01
CA GLU A 81 -17.90 13.08 -14.94
C GLU A 81 -17.25 11.82 -15.50
N GLU A 82 -16.00 11.92 -15.95
CA GLU A 82 -15.32 10.75 -16.52
C GLU A 82 -15.40 9.53 -15.58
N LEU A 83 -15.44 9.76 -14.27
CA LEU A 83 -15.43 8.68 -13.29
C LEU A 83 -16.78 8.04 -13.19
N GLU A 84 -17.83 8.86 -13.05
CA GLU A 84 -19.21 8.34 -12.93
C GLU A 84 -19.69 7.61 -14.18
N GLU A 85 -19.10 7.93 -15.34
CA GLU A 85 -19.33 7.19 -16.58
C GLU A 85 -18.65 5.81 -16.52
N LEU A 86 -17.36 5.79 -16.22
CA LEU A 86 -16.69 4.52 -16.10
C LEU A 86 -17.44 3.65 -15.12
N MET A 87 -17.93 4.20 -14.02
CA MET A 87 -18.46 3.36 -12.95
C MET A 87 -19.80 2.74 -13.29
N THR A 88 -20.41 3.31 -14.32
CA THR A 88 -21.73 2.92 -14.78
C THR A 88 -21.63 1.81 -15.81
N ASP A 89 -20.67 1.90 -16.73
CA ASP A 89 -20.39 0.77 -17.60
C ASP A 89 -20.19 -0.42 -16.74
N ILE A 90 -19.31 -0.27 -15.78
CA ILE A 90 -18.91 -1.40 -15.00
C ILE A 90 -20.14 -1.99 -14.33
N LYS A 91 -21.09 -1.15 -13.88
CA LYS A 91 -22.32 -1.67 -13.24
C LYS A 91 -23.19 -2.35 -14.26
N ARG A 92 -23.26 -1.76 -15.45
CA ARG A 92 -24.19 -2.22 -16.45
C ARG A 92 -23.58 -3.42 -17.13
N THR A 93 -22.50 -3.17 -17.86
CA THR A 93 -21.82 -4.23 -18.57
C THR A 93 -21.64 -5.43 -17.69
N ALA A 94 -21.45 -5.23 -16.40
CA ALA A 94 -21.48 -6.38 -15.49
C ALA A 94 -22.80 -7.13 -15.62
N ASN A 95 -23.91 -6.44 -15.46
CA ASN A 95 -25.20 -7.08 -15.44
C ASN A 95 -25.58 -7.78 -16.72
N LYS A 96 -25.12 -7.22 -17.82
CA LYS A 96 -25.18 -7.92 -19.08
C LYS A 96 -24.56 -9.29 -18.79
N VAL A 97 -23.27 -9.28 -18.47
CA VAL A 97 -22.57 -10.50 -18.17
C VAL A 97 -23.29 -11.34 -17.13
N ARG A 98 -23.89 -10.74 -16.12
CA ARG A 98 -24.52 -11.54 -15.07
C ARG A 98 -25.74 -12.31 -15.59
N GLY A 99 -26.16 -11.93 -16.81
CA GLY A 99 -27.33 -12.47 -17.45
C GLY A 99 -26.95 -13.50 -18.46
N LYS A 100 -26.03 -13.15 -19.36
CA LYS A 100 -25.49 -14.11 -20.33
C LYS A 100 -24.99 -15.34 -19.62
N LEU A 101 -24.69 -15.17 -18.34
CA LEU A 101 -24.39 -16.27 -17.45
C LEU A 101 -25.60 -17.08 -17.04
N LYS A 102 -26.73 -16.46 -16.68
CA LYS A 102 -27.92 -17.25 -16.31
C LYS A 102 -28.37 -18.03 -17.52
N THR A 103 -28.38 -17.41 -18.69
CA THR A 103 -28.73 -18.16 -19.87
C THR A 103 -27.94 -19.48 -19.84
N ILE A 104 -26.60 -19.41 -19.78
CA ILE A 104 -25.72 -20.60 -19.68
C ILE A 104 -25.99 -21.50 -18.47
N GLU A 105 -25.94 -20.96 -17.28
CA GLU A 105 -26.30 -21.72 -16.10
C GLU A 105 -27.54 -22.56 -16.31
N LEU A 106 -28.51 -21.98 -17.02
CA LEU A 106 -29.84 -22.55 -17.09
C LEU A 106 -29.83 -23.63 -18.19
N ASN A 107 -29.37 -23.33 -19.39
CA ASN A 107 -29.22 -24.35 -20.43
C ASN A 107 -28.48 -25.62 -20.00
N ILE A 108 -27.33 -25.45 -19.33
CA ILE A 108 -26.62 -26.55 -18.70
C ILE A 108 -27.61 -27.26 -17.81
N GLU A 109 -28.14 -26.55 -16.82
CA GLU A 109 -28.91 -27.20 -15.77
C GLU A 109 -29.99 -28.11 -16.35
N GLN A 110 -30.73 -27.58 -17.32
CA GLN A 110 -31.86 -28.29 -17.87
C GLN A 110 -31.33 -29.46 -18.66
N GLU A 111 -30.28 -29.24 -19.44
CA GLU A 111 -29.67 -30.32 -20.23
C GLU A 111 -28.92 -31.36 -19.38
N GLU A 112 -29.06 -31.29 -18.05
CA GLU A 112 -28.53 -32.32 -17.15
C GLU A 112 -29.54 -33.45 -16.85
N SER A 118 -22.45 -36.61 -20.28
CA SER A 118 -21.87 -36.40 -21.61
C SER A 118 -20.44 -35.87 -21.51
N ALA A 119 -19.87 -35.46 -22.65
CA ALA A 119 -18.50 -34.91 -22.72
C ALA A 119 -18.50 -33.47 -23.21
N ASP A 120 -19.29 -33.18 -24.25
CA ASP A 120 -19.53 -31.78 -24.66
C ASP A 120 -20.28 -30.98 -23.57
N LEU A 121 -21.02 -31.67 -22.71
CA LEU A 121 -21.56 -31.10 -21.49
C LEU A 121 -20.43 -30.79 -20.54
N ARG A 122 -19.65 -31.81 -20.19
CA ARG A 122 -18.63 -31.68 -19.16
C ARG A 122 -17.66 -30.54 -19.45
N ILE A 123 -17.44 -30.24 -20.73
CA ILE A 123 -16.75 -29.02 -21.13
C ILE A 123 -17.49 -27.77 -20.62
N ARG A 124 -18.72 -27.57 -21.07
CA ARG A 124 -19.50 -26.38 -20.66
C ARG A 124 -19.44 -26.15 -19.17
N LYS A 125 -19.98 -27.08 -18.39
CA LYS A 125 -20.03 -26.90 -16.95
C LYS A 125 -18.70 -26.33 -16.44
N THR A 126 -17.61 -26.82 -17.04
CA THR A 126 -16.26 -26.36 -16.69
C THR A 126 -16.11 -24.88 -17.03
N GLN A 127 -16.25 -24.55 -18.32
CA GLN A 127 -16.16 -23.16 -18.82
C GLN A 127 -17.07 -22.22 -18.03
N TYR A 128 -18.31 -22.64 -17.80
CA TYR A 128 -19.22 -21.84 -17.01
C TYR A 128 -18.54 -21.48 -15.72
N SER A 129 -17.78 -22.39 -15.14
CA SER A 129 -17.08 -22.08 -13.88
C SER A 129 -15.88 -21.13 -14.04
N THR A 130 -15.08 -21.37 -15.06
CA THR A 130 -13.92 -20.56 -15.31
C THR A 130 -14.36 -19.11 -15.54
N ILE A 131 -15.07 -18.88 -16.64
CA ILE A 131 -15.77 -17.63 -16.94
C ILE A 131 -16.39 -16.93 -15.75
N SER A 132 -17.21 -17.69 -15.04
CA SER A 132 -17.90 -17.25 -13.87
C SER A 132 -16.91 -16.76 -12.82
N ARG A 133 -15.82 -17.49 -12.57
CA ARG A 133 -14.81 -17.07 -11.57
C ARG A 133 -14.10 -15.79 -11.99
N LYS A 134 -13.56 -15.78 -13.20
CA LYS A 134 -12.90 -14.58 -13.68
C LYS A 134 -13.83 -13.38 -13.57
N PHE A 135 -15.13 -13.60 -13.45
CA PHE A 135 -16.10 -12.50 -13.25
C PHE A 135 -16.04 -12.06 -11.82
N VAL A 136 -16.32 -12.96 -10.90
CA VAL A 136 -16.25 -12.62 -9.50
C VAL A 136 -14.89 -12.03 -9.16
N GLU A 137 -13.85 -12.40 -9.91
CA GLU A 137 -12.54 -11.81 -9.65
C GLU A 137 -12.60 -10.33 -10.05
N VAL A 138 -12.91 -10.02 -11.29
CA VAL A 138 -12.98 -8.62 -11.68
C VAL A 138 -13.95 -7.85 -10.77
N MET A 139 -15.07 -8.47 -10.41
CA MET A 139 -16.09 -7.81 -9.63
C MET A 139 -15.73 -7.67 -8.16
N SER A 140 -14.85 -8.53 -7.66
CA SER A 140 -14.37 -8.40 -6.27
C SER A 140 -13.35 -7.25 -6.24
N ASP A 141 -12.24 -7.45 -6.94
CA ASP A 141 -11.28 -6.41 -7.24
C ASP A 141 -11.88 -5.00 -7.22
N TYR A 142 -12.96 -4.83 -7.99
CA TYR A 142 -13.59 -3.53 -8.14
C TYR A 142 -14.27 -3.16 -6.84
N ASN A 143 -15.06 -4.08 -6.30
CA ASN A 143 -15.85 -3.79 -5.11
C ASN A 143 -14.97 -3.24 -4.00
N THR A 144 -13.67 -3.54 -4.06
CA THR A 144 -12.66 -3.01 -3.12
C THR A 144 -12.32 -1.58 -3.51
N THR A 145 -11.86 -1.45 -4.75
CA THR A 145 -11.26 -0.22 -5.25
C THR A 145 -12.11 0.92 -4.80
N GLN A 146 -13.39 0.83 -5.00
CA GLN A 146 -14.23 1.91 -4.58
C GLN A 146 -14.20 2.04 -3.03
N ILE A 147 -14.93 1.15 -2.36
CA ILE A 147 -15.40 1.40 -1.00
C ILE A 147 -14.31 1.92 -0.07
N ASP A 148 -13.24 1.14 0.08
CA ASP A 148 -12.15 1.50 0.97
C ASP A 148 -11.00 2.11 0.19
N TYR A 149 -11.06 3.44 0.15
CA TYR A 149 -10.21 4.33 -0.65
C TYR A 149 -8.94 3.69 -1.20
N ARG A 150 -8.62 4.04 -2.44
CA ARG A 150 -7.30 3.74 -3.00
C ARG A 150 -6.26 4.37 -2.08
N ASP A 151 -5.25 3.58 -1.73
CA ASP A 151 -4.08 4.06 -0.97
C ASP A 151 -4.23 4.19 0.55
N ARG A 152 -5.37 3.77 1.11
CA ARG A 152 -5.54 3.59 2.54
C ARG A 152 -4.23 3.61 3.27
N CYS A 153 -4.17 4.41 4.32
CA CYS A 153 -2.99 4.54 5.16
C CYS A 153 -3.14 3.67 6.39
N LYS A 154 -4.38 3.32 6.74
CA LYS A 154 -4.68 2.59 7.98
C LYS A 154 -3.69 1.45 8.22
N ALA A 155 -3.33 1.27 9.49
CA ALA A 155 -2.22 0.42 9.89
C ALA A 155 -2.32 -1.02 9.41
N ARG A 156 -1.18 -1.69 9.48
CA ARG A 156 -0.98 -3.12 9.17
C ARG A 156 -2.21 -4.04 9.36
N PHE B 37 40.15 4.24 27.93
CA PHE B 37 38.78 4.76 28.21
C PHE B 37 38.28 5.79 27.20
N MET B 38 39.09 6.81 26.89
CA MET B 38 38.73 7.78 25.82
C MET B 38 38.64 6.99 24.58
N GLU B 39 39.76 6.40 24.20
CA GLU B 39 39.77 5.46 23.11
C GLU B 39 38.49 4.63 23.02
N GLU B 40 37.92 4.22 24.15
CA GLU B 40 36.58 3.60 24.12
C GLU B 40 35.52 4.65 23.87
N PHE B 41 35.40 5.60 24.79
CA PHE B 41 34.43 6.65 24.65
C PHE B 41 34.27 7.18 23.20
N PHE B 42 35.37 7.18 22.44
CA PHE B 42 35.27 7.55 21.04
C PHE B 42 34.70 6.38 20.30
N GLU B 43 35.35 5.22 20.37
CA GLU B 43 34.77 4.01 19.80
C GLU B 43 33.23 3.93 20.02
N GLN B 44 32.74 4.28 21.20
CA GLN B 44 31.32 4.31 21.43
C GLN B 44 30.71 5.42 20.62
N VAL B 45 31.25 6.63 20.69
CA VAL B 45 30.64 7.75 19.96
C VAL B 45 30.58 7.56 18.45
N GLU B 46 31.53 6.87 17.87
CA GLU B 46 31.57 6.69 16.43
C GLU B 46 30.43 5.80 15.99
N GLU B 47 29.97 4.96 16.93
CA GLU B 47 28.80 4.09 16.75
C GLU B 47 27.49 4.80 17.04
N ILE B 48 27.35 5.47 18.19
CA ILE B 48 26.14 6.25 18.48
C ILE B 48 25.84 7.23 17.36
N ARG B 49 26.85 7.50 16.56
CA ARG B 49 26.69 8.34 15.38
C ARG B 49 26.12 7.44 14.35
N ALA B 50 26.93 6.52 13.86
CA ALA B 50 26.54 5.63 12.78
C ALA B 50 25.06 5.18 12.82
N MET B 51 24.52 5.02 14.01
CA MET B 51 23.11 4.73 14.14
C MET B 51 22.40 6.00 13.72
N ILE B 52 22.51 7.07 14.49
CA ILE B 52 21.88 8.35 14.09
C ILE B 52 21.84 8.57 12.56
N ASP B 53 22.96 8.35 11.88
CA ASP B 53 23.05 8.40 10.41
C ASP B 53 22.10 7.40 9.74
N LYS B 54 22.14 6.14 10.16
CA LYS B 54 21.21 5.14 9.65
C LYS B 54 19.79 5.50 10.01
N ILE B 55 19.57 5.92 11.25
CA ILE B 55 18.20 6.06 11.66
C ILE B 55 17.67 7.28 10.97
N SER B 56 18.52 8.04 10.29
CA SER B 56 18.02 9.07 9.38
C SER B 56 17.82 8.59 7.97
N ASP B 57 18.88 8.18 7.28
CA ASP B 57 18.75 7.29 6.13
C ASP B 57 17.37 6.60 6.02
N ASN B 58 16.89 6.04 7.11
CA ASN B 58 15.60 5.38 7.11
C ASN B 58 14.45 6.37 7.12
N VAL B 59 14.57 7.43 7.90
CA VAL B 59 13.58 8.49 7.81
C VAL B 59 13.41 8.89 6.34
N ASP B 60 14.52 9.04 5.62
CA ASP B 60 14.47 9.49 4.23
C ASP B 60 13.78 8.47 3.35
N ALA B 61 13.91 7.19 3.69
CA ALA B 61 13.32 6.08 2.94
C ALA B 61 11.85 5.97 3.21
N VAL B 62 11.47 6.32 4.42
CA VAL B 62 10.08 6.44 4.79
C VAL B 62 9.47 7.58 4.00
N LYS B 63 10.26 8.63 3.76
CA LYS B 63 9.72 9.77 3.01
C LYS B 63 9.15 9.25 1.69
N LYS B 64 9.88 8.36 1.02
CA LYS B 64 9.37 7.79 -0.22
C LYS B 64 8.15 6.89 0.02
N LYS B 65 8.25 5.92 0.90
CA LYS B 65 7.13 4.98 1.05
C LYS B 65 5.83 5.70 1.38
N HIS B 66 5.89 6.71 2.24
CA HIS B 66 4.75 7.59 2.44
C HIS B 66 4.21 8.08 1.11
N SER B 67 5.09 8.53 0.24
CA SER B 67 4.67 9.02 -1.06
C SER B 67 4.21 7.81 -1.81
N ASP B 68 5.07 7.22 -2.64
CA ASP B 68 4.79 5.94 -3.29
C ASP B 68 3.39 5.36 -2.97
N ILE B 69 3.16 5.00 -1.71
CA ILE B 69 1.85 4.62 -1.20
C ILE B 69 0.73 5.56 -1.68
N LEU B 70 0.73 6.81 -1.22
CA LEU B 70 -0.35 7.75 -1.54
C LEU B 70 -0.53 7.96 -3.03
N SER B 71 0.55 8.08 -3.78
CA SER B 71 0.43 8.11 -5.25
C SER B 71 -0.48 7.02 -5.84
N ALA B 72 -0.12 5.76 -5.57
CA ALA B 72 -0.63 4.59 -6.28
C ALA B 72 -2.12 4.56 -6.59
N PRO B 73 -2.53 3.76 -7.58
CA PRO B 73 -3.95 3.55 -7.93
C PRO B 73 -4.75 2.75 -6.93
N GLN B 74 -4.14 1.78 -6.27
CA GLN B 74 -4.79 1.08 -5.16
C GLN B 74 -3.85 0.96 -3.98
N THR B 75 -4.40 0.64 -2.81
CA THR B 75 -3.57 0.48 -1.63
C THR B 75 -2.63 -0.73 -1.86
N ASP B 76 -1.33 -0.49 -1.71
CA ASP B 76 -0.31 -1.49 -2.02
C ASP B 76 0.20 -2.13 -0.74
N ASP B 77 -0.46 -3.20 -0.31
CA ASP B 77 -0.18 -3.82 0.99
C ASP B 77 1.28 -4.22 1.20
N GLN B 78 2.05 -4.40 0.14
CA GLN B 78 3.48 -4.64 0.31
C GLN B 78 4.04 -3.31 0.78
N MET B 79 4.10 -2.32 -0.07
CA MET B 79 4.59 -1.01 0.33
C MET B 79 4.20 -0.73 1.78
N LYS B 80 2.93 -0.96 2.09
CA LYS B 80 2.41 -0.71 3.41
C LYS B 80 3.15 -1.54 4.45
N GLU B 81 3.47 -2.79 4.13
CA GLU B 81 4.37 -3.60 4.96
C GLU B 81 5.76 -2.98 5.00
N GLU B 82 6.49 -3.04 3.89
CA GLU B 82 7.78 -2.35 3.74
C GLU B 82 7.93 -1.08 4.57
N LEU B 83 6.86 -0.31 4.72
CA LEU B 83 6.89 0.90 5.53
C LEU B 83 6.95 0.50 6.96
N GLU B 84 5.98 -0.29 7.38
CA GLU B 84 5.87 -0.77 8.76
C GLU B 84 7.22 -1.28 9.30
N GLU B 85 8.02 -1.86 8.42
CA GLU B 85 9.36 -2.26 8.74
C GLU B 85 10.22 -1.02 8.99
N LEU B 86 10.46 -0.19 7.99
CA LEU B 86 11.30 1.00 8.20
C LEU B 86 10.91 1.63 9.51
N MET B 87 9.66 1.98 9.62
CA MET B 87 9.21 2.61 10.81
C MET B 87 9.75 1.90 12.05
N THR B 88 9.86 0.57 11.97
CA THR B 88 10.36 -0.27 13.08
C THR B 88 11.84 -0.20 13.45
N ASP B 89 12.80 -0.10 12.54
CA ASP B 89 14.18 0.21 12.98
C ASP B 89 14.18 1.61 13.52
N ILE B 90 13.71 2.54 12.71
CA ILE B 90 13.57 3.88 13.20
C ILE B 90 13.10 3.83 14.64
N LYS B 91 12.24 2.89 15.01
CA LYS B 91 11.80 2.84 16.40
C LYS B 91 12.80 2.16 17.32
N ARG B 92 13.37 1.05 16.89
CA ARG B 92 14.16 0.22 17.77
C ARG B 92 15.60 0.60 17.81
N THR B 93 16.11 1.28 16.79
CA THR B 93 17.51 1.71 16.75
C THR B 93 17.57 3.07 17.38
N ALA B 94 16.63 3.92 17.05
CA ALA B 94 16.46 5.11 17.86
C ALA B 94 16.64 4.74 19.30
N ASN B 95 16.10 3.58 19.65
CA ASN B 95 15.99 3.17 21.04
C ASN B 95 17.25 2.50 21.61
N LYS B 96 18.05 1.82 20.77
CA LYS B 96 19.36 1.37 21.18
C LYS B 96 20.13 2.64 21.56
N VAL B 97 20.22 3.57 20.63
CA VAL B 97 20.95 4.83 20.80
C VAL B 97 20.55 5.60 22.03
N ARG B 98 19.27 5.67 22.31
CA ARG B 98 18.83 6.50 23.42
C ARG B 98 19.50 5.99 24.73
N GLY B 99 19.74 4.69 24.80
CA GLY B 99 20.43 4.08 25.91
C GLY B 99 21.93 4.31 25.92
N LYS B 100 22.64 3.99 24.83
CA LYS B 100 24.10 4.26 24.71
C LYS B 100 24.47 5.71 25.09
N LEU B 101 23.51 6.61 24.90
CA LEU B 101 23.57 7.96 25.41
C LEU B 101 23.42 8.04 26.92
N LYS B 102 22.50 7.32 27.57
CA LYS B 102 22.39 7.35 29.07
C LYS B 102 23.72 7.00 29.71
N THR B 103 24.29 5.85 29.38
CA THR B 103 25.58 5.53 29.93
C THR B 103 26.46 6.76 29.90
N ILE B 104 26.67 7.28 28.69
CA ILE B 104 27.51 8.46 28.47
C ILE B 104 27.08 9.58 29.41
N GLU B 105 25.82 10.00 29.35
CA GLU B 105 25.30 11.00 30.25
C GLU B 105 25.67 10.67 31.67
N LEU B 106 25.39 9.42 32.06
CA LEU B 106 25.53 9.01 33.46
C LEU B 106 26.96 9.13 33.92
N ASN B 107 27.88 8.46 33.23
CA ASN B 107 29.30 8.64 33.46
C ASN B 107 29.85 10.10 33.52
N ILE B 108 29.30 10.99 32.70
CA ILE B 108 29.70 12.39 32.72
C ILE B 108 29.13 12.95 34.00
N GLU B 109 27.96 12.49 34.41
CA GLU B 109 27.43 12.92 35.69
C GLU B 109 28.28 12.40 36.88
N GLN B 110 29.22 11.49 36.62
CA GLN B 110 30.14 10.98 37.65
C GLN B 110 31.63 11.11 37.27
N SER B 118 38.76 18.54 33.96
CA SER B 118 39.81 18.07 33.07
C SER B 118 39.56 18.57 31.64
N ALA B 119 40.47 18.22 30.73
CA ALA B 119 40.27 18.48 29.30
C ALA B 119 39.46 17.32 28.73
N ASP B 120 40.04 16.12 28.71
CA ASP B 120 39.34 14.90 28.27
C ASP B 120 37.89 14.83 28.77
N LEU B 121 37.60 15.38 29.94
CA LEU B 121 36.22 15.52 30.39
C LEU B 121 35.47 16.50 29.51
N ARG B 122 35.86 17.78 29.53
CA ARG B 122 35.15 18.82 28.76
C ARG B 122 34.88 18.39 27.31
N ILE B 123 35.82 17.63 26.76
CA ILE B 123 35.70 17.01 25.45
C ILE B 123 34.42 16.19 25.35
N ARG B 124 34.24 15.27 26.30
CA ARG B 124 33.06 14.43 26.33
C ARG B 124 31.83 15.28 26.62
N LYS B 125 31.86 16.07 27.67
CA LYS B 125 30.68 16.87 27.94
C LYS B 125 30.19 17.49 26.61
N THR B 126 31.09 17.69 25.65
CA THR B 126 30.72 18.28 24.36
C THR B 126 30.33 17.24 23.31
N GLN B 127 31.23 16.33 22.95
CA GLN B 127 30.91 15.21 22.05
C GLN B 127 29.47 14.78 22.24
N TYR B 128 29.17 14.34 23.46
CA TYR B 128 27.82 14.01 23.86
C TYR B 128 26.92 15.09 23.34
N SER B 129 26.98 16.28 23.92
CA SER B 129 26.06 17.36 23.55
C SER B 129 25.76 17.48 22.04
N THR B 130 26.78 17.24 21.22
CA THR B 130 26.67 17.25 19.77
C THR B 130 25.75 16.16 19.33
N ILE B 131 26.23 14.93 19.50
CA ILE B 131 25.52 13.69 19.28
C ILE B 131 24.08 13.74 19.73
N SER B 132 23.86 14.27 20.92
CA SER B 132 22.54 14.33 21.50
C SER B 132 21.62 15.17 20.64
N ARG B 133 22.11 16.32 20.19
CA ARG B 133 21.35 17.21 19.30
C ARG B 133 21.15 16.53 17.97
N LYS B 134 22.24 16.14 17.32
CA LYS B 134 22.19 15.44 16.03
C LYS B 134 21.07 14.36 16.02
N PHE B 135 20.87 13.72 17.16
CA PHE B 135 19.83 12.74 17.35
C PHE B 135 18.49 13.42 17.51
N VAL B 136 18.34 14.40 18.39
CA VAL B 136 17.03 15.02 18.49
C VAL B 136 16.54 15.56 17.15
N GLU B 137 17.45 15.98 16.27
CA GLU B 137 17.03 16.47 14.96
C GLU B 137 16.49 15.34 14.08
N VAL B 138 17.22 14.22 13.97
CA VAL B 138 16.80 13.11 13.09
C VAL B 138 15.39 12.74 13.43
N MET B 139 15.16 12.55 14.72
CA MET B 139 13.90 12.07 15.19
C MET B 139 12.86 13.16 15.13
N SER B 140 13.25 14.39 15.37
CA SER B 140 12.29 15.50 15.35
C SER B 140 11.95 15.95 13.94
N ASP B 141 12.67 15.42 12.97
CA ASP B 141 12.36 15.67 11.58
C ASP B 141 11.68 14.41 10.98
N TYR B 142 11.86 13.28 11.66
CA TYR B 142 11.12 12.06 11.33
C TYR B 142 9.71 12.19 11.83
N ASN B 143 9.53 12.78 13.00
CA ASN B 143 8.20 12.94 13.52
C ASN B 143 7.41 13.82 12.59
N THR B 144 8.10 14.77 11.96
CA THR B 144 7.48 15.64 10.98
C THR B 144 7.02 14.81 9.80
N THR B 145 7.87 13.94 9.30
CA THR B 145 7.49 13.03 8.24
C THR B 145 6.13 12.41 8.54
N GLN B 146 5.97 11.91 9.76
CA GLN B 146 4.77 11.19 10.11
C GLN B 146 3.51 12.03 10.35
N ILE B 147 3.68 13.31 10.68
CA ILE B 147 2.53 14.24 10.79
C ILE B 147 2.14 14.72 9.38
N ASP B 148 3.14 14.95 8.54
CA ASP B 148 2.96 15.36 7.15
C ASP B 148 2.40 14.22 6.34
N TYR B 149 2.26 13.06 6.93
CA TYR B 149 1.77 11.90 6.22
C TYR B 149 0.36 11.62 6.64
N ARG B 150 0.03 11.75 7.92
CA ARG B 150 -1.37 11.68 8.32
C ARG B 150 -2.10 12.80 7.61
N ASP B 151 -1.41 13.90 7.36
CA ASP B 151 -2.02 15.08 6.77
C ASP B 151 -2.29 14.84 5.29
N ARG B 152 -1.25 14.77 4.46
CA ARG B 152 -1.37 14.48 3.01
C ARG B 152 -2.34 13.31 2.74
N CYS B 153 -2.51 12.49 3.78
CA CYS B 153 -3.27 11.28 3.71
C CYS B 153 -4.72 11.53 4.04
N LYS B 154 -5.01 12.05 5.22
CA LYS B 154 -6.38 12.41 5.58
C LYS B 154 -7.02 13.42 4.60
N ALA B 155 -6.19 14.19 3.89
CA ALA B 155 -6.65 15.05 2.80
C ALA B 155 -7.72 14.36 2.02
N ARG B 156 -7.46 13.08 1.73
CA ARG B 156 -8.29 12.25 0.87
C ARG B 156 -9.53 11.76 1.55
N ILE B 157 -9.40 11.29 2.80
CA ILE B 157 -10.59 10.83 3.52
C ILE B 157 -11.60 11.97 3.68
N LYS B 158 -11.22 13.20 3.35
CA LYS B 158 -12.18 14.29 3.30
C LYS B 158 -12.59 14.62 1.85
N ARG B 159 -11.63 14.82 0.94
CA ARG B 159 -11.95 15.02 -0.49
C ARG B 159 -12.70 13.80 -1.08
N GLN B 160 -12.72 12.70 -0.33
CA GLN B 160 -13.61 11.57 -0.64
C GLN B 160 -15.02 11.95 -0.23
N MET B 161 -15.16 12.52 0.96
CA MET B 161 -16.39 13.22 1.36
C MET B 161 -16.51 14.52 0.54
#